data_4L05
#
_entry.id   4L05
#
_cell.length_a   49.910
_cell.length_b   70.528
_cell.length_c   80.359
_cell.angle_alpha   90.00
_cell.angle_beta   90.00
_cell.angle_gamma   90.00
#
_symmetry.space_group_name_H-M   'I 2 2 2'
#
loop_
_entity.id
_entity.type
_entity.pdbx_description
1 polymer 'Superoxide dismutase [Cu-Zn]'
2 non-polymer 'COPPER (I) ION'
3 non-polymer 'COPPER (II) ION'
4 non-polymer 'ZINC ION'
5 non-polymer 'SULFATE ION'
6 non-polymer GLYCEROL
7 water water
#
_entity_poly.entity_id   1
_entity_poly.type   'polypeptide(L)'
_entity_poly.pdbx_seq_one_letter_code
;ESTTVKMYEALPTGPGKEVGTVVISEAPGGLHFKVNMEKLTPGYHGFHVHENPSCAPGEKDGKIVPALAAGGHYDPGNTH
HHLGPEGDGHMGDLPRLSANADGKVSETVVAPHLKKLAEIKQRSLMVHVGGDNYSDKPEPLGGGGARFACGVIE
;
_entity_poly.pdbx_strand_id   A
#
loop_
_chem_comp.id
_chem_comp.type
_chem_comp.name
_chem_comp.formula
CU non-polymer 'COPPER (II) ION' 'Cu 2'
CU1 non-polymer 'COPPER (I) ION' 'Cu 1'
GOL non-polymer GLYCEROL 'C3 H8 O3'
SO4 non-polymer 'SULFATE ION' 'O4 S -2'
ZN non-polymer 'ZINC ION' 'Zn 2'
#
# COMPACT_ATOMS: atom_id res chain seq x y z
N GLU A 1 13.05 15.14 3.00
CA GLU A 1 11.68 15.45 3.36
C GLU A 1 10.95 14.27 3.98
N SER A 2 9.78 14.58 4.55
CA SER A 2 8.90 13.58 5.13
C SER A 2 7.44 14.04 5.06
N THR A 3 6.52 13.10 5.18
CA THR A 3 5.09 13.41 5.22
C THR A 3 4.39 12.31 6.01
N THR A 4 3.24 12.66 6.58
CA THR A 4 2.42 11.72 7.33
C THR A 4 1.10 11.49 6.61
N VAL A 5 0.78 10.23 6.39
CA VAL A 5 -0.44 9.83 5.72
C VAL A 5 -1.39 9.18 6.70
N LYS A 6 -2.59 9.70 6.82
CA LYS A 6 -3.64 9.09 7.63
C LYS A 6 -4.32 7.98 6.81
N MET A 7 -4.47 6.81 7.42
CA MET A 7 -5.02 5.64 6.77
C MET A 7 -6.41 5.35 7.30
N TYR A 8 -7.35 5.15 6.38
CA TYR A 8 -8.74 4.87 6.72
C TYR A 8 -9.17 3.52 6.16
N GLU A 9 -9.99 2.80 6.90
CA GLU A 9 -10.53 1.53 6.41
C GLU A 9 -11.28 1.78 5.12
N ALA A 10 -11.05 0.92 4.13
CA ALA A 10 -11.72 1.03 2.84
C ALA A 10 -13.01 0.21 2.85
N LEU A 11 -14.14 0.89 2.72
CA LEU A 11 -15.44 0.25 2.78
C LEU A 11 -16.15 0.33 1.43
N PRO A 12 -17.25 -0.41 1.28
CA PRO A 12 -18.09 -0.17 0.11
C PRO A 12 -18.59 1.28 0.02
N THR A 13 -18.68 1.95 1.17
CA THR A 13 -19.13 3.32 1.29
C THR A 13 -17.96 4.32 1.29
N GLY A 14 -16.73 3.86 0.98
CA GLY A 14 -15.57 4.74 0.95
C GLY A 14 -14.82 4.72 2.26
N PRO A 15 -14.13 5.82 2.60
CA PRO A 15 -13.27 5.82 3.78
C PRO A 15 -14.08 5.71 5.07
N GLY A 16 -13.64 4.79 5.93
CA GLY A 16 -14.28 4.54 7.21
C GLY A 16 -13.43 5.05 8.35
N LYS A 17 -13.31 4.24 9.41
CA LYS A 17 -12.55 4.64 10.57
C LYS A 17 -11.09 4.85 10.24
N GLU A 18 -10.45 5.77 10.96
CA GLU A 18 -9.01 5.91 10.89
C GLU A 18 -8.39 4.69 11.57
N VAL A 19 -7.50 4.00 10.86
CA VAL A 19 -6.85 2.82 11.41
C VAL A 19 -5.38 3.03 11.66
N GLY A 20 -4.82 4.17 11.28
CA GLY A 20 -3.46 4.48 11.65
C GLY A 20 -2.81 5.48 10.75
N THR A 21 -1.49 5.52 10.81
CA THR A 21 -0.69 6.49 10.08
C THR A 21 0.53 5.83 9.48
N VAL A 22 1.04 6.47 8.43
CA VAL A 22 2.33 6.11 7.87
C VAL A 22 3.15 7.40 7.73
N VAL A 23 4.35 7.41 8.32
CA VAL A 23 5.28 8.51 8.10
C VAL A 23 6.25 8.03 7.03
N ILE A 24 6.30 8.75 5.92
CA ILE A 24 7.25 8.47 4.84
C ILE A 24 8.41 9.44 4.95
N SER A 25 9.64 8.93 4.99
CA SER A 25 10.81 9.78 5.15
C SER A 25 11.97 9.29 4.31
N GLU A 26 12.83 10.22 3.93
CA GLU A 26 14.01 9.91 3.15
C GLU A 26 15.16 9.41 4.06
N ALA A 27 15.88 8.41 3.57
CA ALA A 27 16.94 7.76 4.35
C ALA A 27 17.99 7.17 3.42
N PRO A 28 19.22 6.97 3.91
CA PRO A 28 20.26 6.46 3.00
C PRO A 28 19.92 5.18 2.23
N GLY A 29 19.25 4.23 2.87
CA GLY A 29 18.95 2.97 2.20
C GLY A 29 17.68 2.91 1.36
N GLY A 30 17.00 4.05 1.17
CA GLY A 30 15.73 4.11 0.47
C GLY A 30 14.64 4.68 1.38
N LEU A 31 13.46 4.98 0.82
CA LEU A 31 12.39 5.57 1.61
C LEU A 31 12.01 4.66 2.76
N HIS A 32 11.83 5.27 3.92
CA HIS A 32 11.31 4.60 5.09
C HIS A 32 9.82 4.91 5.22
N PHE A 33 9.07 3.88 5.60
CA PHE A 33 7.64 3.97 5.86
C PHE A 33 7.43 3.48 7.29
N LYS A 34 7.19 4.40 8.21
CA LYS A 34 6.94 4.06 9.62
C LYS A 34 5.45 3.92 9.80
N VAL A 35 5.01 2.69 10.00
CA VAL A 35 3.59 2.34 10.02
C VAL A 35 3.14 2.05 11.43
N ASN A 36 2.08 2.72 11.84
CA ASN A 36 1.39 2.43 13.09
C ASN A 36 -0.08 2.27 12.77
N MET A 37 -0.55 1.03 12.81
CA MET A 37 -1.93 0.72 12.41
C MET A 37 -2.52 -0.30 13.36
N GLU A 38 -3.83 -0.27 13.48
CA GLU A 38 -4.56 -1.19 14.34
C GLU A 38 -5.77 -1.76 13.61
N LYS A 39 -6.38 -2.77 14.24
CA LYS A 39 -7.61 -3.39 13.78
C LYS A 39 -7.40 -4.21 12.52
N LEU A 40 -6.17 -4.66 12.29
CA LEU A 40 -5.88 -5.61 11.23
C LEU A 40 -6.06 -7.03 11.71
N THR A 41 -6.28 -7.96 10.80
CA THR A 41 -6.16 -9.36 11.15
C THR A 41 -4.68 -9.69 11.40
N PRO A 42 -4.39 -10.55 12.39
CA PRO A 42 -2.99 -10.93 12.60
C PRO A 42 -2.43 -11.58 11.34
N GLY A 43 -1.15 -11.33 11.09
CA GLY A 43 -0.46 -11.95 9.98
C GLY A 43 0.08 -10.91 9.01
N TYR A 44 0.63 -11.39 7.90
CA TYR A 44 1.18 -10.50 6.91
C TYR A 44 0.10 -9.84 6.06
N HIS A 45 0.36 -8.58 5.72
CA HIS A 45 -0.50 -7.77 4.85
C HIS A 45 0.31 -7.08 3.78
N GLY A 46 -0.16 -7.19 2.53
CA GLY A 46 0.47 -6.46 1.44
C GLY A 46 0.35 -4.96 1.59
N PHE A 47 1.39 -4.27 1.13
CA PHE A 47 1.56 -2.83 1.32
C PHE A 47 2.20 -2.26 0.07
N HIS A 48 1.49 -1.36 -0.60
CA HIS A 48 1.98 -0.83 -1.87
C HIS A 48 1.60 0.62 -2.03
N VAL A 49 2.42 1.35 -2.78
CA VAL A 49 2.05 2.64 -3.31
C VAL A 49 1.20 2.41 -4.56
N HIS A 50 -0.02 2.95 -4.59
CA HIS A 50 -0.89 2.90 -5.73
C HIS A 50 -0.82 4.23 -6.50
N GLU A 51 -1.33 4.22 -7.72
CA GLU A 51 -0.95 5.24 -8.67
C GLU A 51 -1.76 6.52 -8.64
N ASN A 52 -2.95 6.51 -8.04
CA ASN A 52 -3.82 7.68 -8.05
C ASN A 52 -4.04 8.23 -6.66
N PRO A 53 -4.15 9.57 -6.54
CA PRO A 53 -4.40 10.23 -5.25
C PRO A 53 -5.89 10.23 -4.88
N SER A 54 -6.46 9.04 -4.75
CA SER A 54 -7.83 8.86 -4.32
C SER A 54 -7.96 7.50 -3.66
N CYS A 55 -8.79 7.44 -2.62
CA CYS A 55 -9.13 6.19 -1.98
C CYS A 55 -10.62 5.81 -2.20
N ALA A 56 -11.28 6.49 -3.13
CA ALA A 56 -12.69 6.21 -3.37
C ALA A 56 -12.88 4.78 -3.87
N PRO A 57 -14.07 4.21 -3.63
CA PRO A 57 -14.42 2.97 -4.32
C PRO A 57 -14.58 3.21 -5.81
N GLY A 58 -14.88 2.12 -6.51
CA GLY A 58 -15.30 2.18 -7.90
C GLY A 58 -15.98 0.89 -8.26
N GLU A 59 -16.38 0.80 -9.52
CA GLU A 59 -17.06 -0.38 -10.03
C GLU A 59 -16.21 -1.05 -11.08
N LYS A 60 -16.11 -2.37 -11.00
CA LYS A 60 -15.37 -3.16 -11.98
C LYS A 60 -16.19 -4.41 -12.24
N ASP A 61 -16.49 -4.66 -13.51
CA ASP A 61 -17.29 -5.85 -13.86
C ASP A 61 -18.61 -5.85 -13.08
N GLY A 62 -19.17 -4.67 -12.82
CA GLY A 62 -20.42 -4.54 -12.08
C GLY A 62 -20.34 -4.71 -10.57
N LYS A 63 -19.16 -4.93 -10.03
CA LYS A 63 -18.97 -5.10 -8.58
C LYS A 63 -18.41 -3.82 -7.97
N ILE A 64 -18.87 -3.46 -6.78
CA ILE A 64 -18.30 -2.34 -6.04
C ILE A 64 -17.03 -2.83 -5.38
N VAL A 65 -15.92 -2.16 -5.65
CA VAL A 65 -14.60 -2.53 -5.17
C VAL A 65 -14.07 -1.43 -4.27
N PRO A 66 -13.95 -1.70 -2.97
CA PRO A 66 -13.39 -0.69 -2.05
C PRO A 66 -12.03 -0.20 -2.54
N ALA A 67 -11.85 1.13 -2.51
CA ALA A 67 -10.60 1.80 -2.86
C ALA A 67 -10.11 1.54 -4.27
N LEU A 68 -11.00 1.14 -5.18
CA LEU A 68 -10.61 0.93 -6.57
C LEU A 68 -10.02 2.21 -7.19
N ALA A 69 -10.50 3.38 -6.78
CA ALA A 69 -10.09 4.62 -7.44
C ALA A 69 -8.63 4.98 -7.22
N ALA A 70 -7.95 4.28 -6.30
CA ALA A 70 -6.52 4.46 -6.11
C ALA A 70 -5.74 3.91 -7.32
N GLY A 71 -6.40 3.16 -8.18
CA GLY A 71 -5.75 2.58 -9.34
C GLY A 71 -4.88 1.39 -8.97
N GLY A 72 -4.00 1.04 -9.91
CA GLY A 72 -3.09 -0.06 -9.73
C GLY A 72 -1.85 0.37 -8.98
N HIS A 73 -0.86 -0.51 -8.93
N HIS A 73 -0.85 -0.50 -8.97
CA HIS A 73 0.40 -0.18 -8.26
CA HIS A 73 0.40 -0.16 -8.31
C HIS A 73 1.16 0.87 -9.04
C HIS A 73 1.15 0.90 -9.07
N TYR A 74 1.76 1.80 -8.32
CA TYR A 74 2.63 2.80 -8.92
C TYR A 74 3.71 2.06 -9.72
N ASP A 75 3.82 2.40 -11.00
CA ASP A 75 4.62 1.62 -11.94
C ASP A 75 5.17 2.55 -13.01
N PRO A 76 6.07 3.47 -12.62
CA PRO A 76 6.62 4.44 -13.57
C PRO A 76 7.40 3.80 -14.71
N GLY A 77 7.94 2.60 -14.49
CA GLY A 77 8.63 1.87 -15.52
C GLY A 77 7.70 1.14 -16.49
N ASN A 78 6.39 1.20 -16.23
CA ASN A 78 5.39 0.55 -17.07
C ASN A 78 5.63 -0.94 -17.20
N THR A 79 6.19 -1.51 -16.14
CA THR A 79 6.60 -2.92 -16.17
C THR A 79 5.44 -3.88 -16.23
N HIS A 80 4.30 -3.49 -15.67
CA HIS A 80 3.09 -4.29 -15.65
C HIS A 80 3.24 -5.65 -14.98
N HIS A 81 4.13 -5.75 -13.99
CA HIS A 81 4.13 -6.96 -13.17
C HIS A 81 4.69 -6.66 -11.79
N HIS A 82 4.31 -7.52 -10.85
CA HIS A 82 4.51 -7.30 -9.43
C HIS A 82 5.66 -8.16 -8.93
N LEU A 83 6.74 -7.53 -8.47
CA LEU A 83 7.95 -8.25 -8.06
C LEU A 83 8.48 -7.84 -6.71
N GLY A 84 7.74 -7.04 -5.94
CA GLY A 84 8.15 -6.72 -4.60
C GLY A 84 9.21 -5.64 -4.53
N PRO A 85 9.63 -5.31 -3.30
CA PRO A 85 10.53 -4.20 -3.05
C PRO A 85 11.96 -4.45 -3.55
N GLU A 86 12.34 -5.72 -3.71
CA GLU A 86 13.69 -6.05 -4.19
C GLU A 86 13.69 -6.37 -5.68
N GLY A 87 12.52 -6.56 -6.29
CA GLY A 87 12.43 -6.81 -7.71
C GLY A 87 12.37 -5.53 -8.52
N ASP A 88 12.43 -5.67 -9.85
CA ASP A 88 12.42 -4.52 -10.74
C ASP A 88 11.11 -4.45 -11.52
N GLY A 89 10.01 -4.79 -10.84
CA GLY A 89 8.67 -4.61 -11.38
C GLY A 89 8.10 -3.29 -10.88
N HIS A 90 6.84 -3.27 -10.47
CA HIS A 90 6.22 -2.04 -10.00
C HIS A 90 7.12 -1.37 -8.96
N MET A 91 7.50 -0.12 -9.20
CA MET A 91 8.31 0.60 -8.22
C MET A 91 7.54 0.91 -6.93
N GLY A 92 6.22 0.85 -6.97
CA GLY A 92 5.41 1.06 -5.79
C GLY A 92 5.35 -0.12 -4.84
N ASP A 93 5.99 -1.22 -5.16
CA ASP A 93 5.92 -2.42 -4.31
C ASP A 93 6.76 -2.23 -3.05
N LEU A 94 6.10 -2.27 -1.89
CA LEU A 94 6.77 -2.07 -0.61
C LEU A 94 6.88 -3.41 0.13
N PRO A 95 7.76 -3.50 1.13
CA PRO A 95 7.78 -4.73 1.93
C PRO A 95 6.47 -4.94 2.68
N ARG A 96 6.09 -6.19 2.84
CA ARG A 96 4.89 -6.55 3.55
C ARG A 96 4.95 -6.12 5.01
N LEU A 97 3.77 -5.88 5.58
CA LEU A 97 3.63 -5.52 6.97
C LEU A 97 3.22 -6.72 7.80
N SER A 98 3.57 -6.68 9.09
CA SER A 98 3.29 -7.78 9.99
C SER A 98 2.41 -7.34 11.14
N ALA A 99 1.18 -7.82 11.17
CA ALA A 99 0.27 -7.51 12.26
C ALA A 99 0.40 -8.60 13.32
N ASN A 100 0.42 -8.18 14.57
CA ASN A 100 0.57 -9.10 15.69
C ASN A 100 -0.77 -9.67 16.12
N ALA A 101 -0.77 -10.47 17.18
CA ALA A 101 -1.98 -11.14 17.63
C ALA A 101 -3.07 -10.17 18.05
N ASP A 102 -2.66 -8.96 18.43
CA ASP A 102 -3.61 -7.92 18.82
C ASP A 102 -4.07 -7.08 17.64
N GLY A 103 -3.65 -7.44 16.42
CA GLY A 103 -4.06 -6.72 15.23
C GLY A 103 -3.28 -5.44 14.95
N LYS A 104 -2.12 -5.29 15.58
CA LYS A 104 -1.37 -4.05 15.47
C LYS A 104 -0.15 -4.22 14.60
N VAL A 105 0.10 -3.19 13.79
CA VAL A 105 1.34 -3.02 13.05
C VAL A 105 2.09 -1.87 13.67
N SER A 106 3.37 -2.08 13.98
CA SER A 106 4.22 -1.01 14.49
C SER A 106 5.63 -1.31 14.02
N GLU A 107 5.99 -0.79 12.86
CA GLU A 107 7.28 -1.11 12.27
C GLU A 107 7.60 -0.13 11.17
N THR A 108 8.86 -0.14 10.79
CA THR A 108 9.32 0.60 9.63
C THR A 108 9.72 -0.38 8.54
N VAL A 109 9.25 -0.14 7.33
CA VAL A 109 9.73 -0.86 6.16
C VAL A 109 10.45 0.09 5.23
N VAL A 110 11.35 -0.47 4.41
CA VAL A 110 12.22 0.31 3.57
C VAL A 110 12.05 -0.11 2.12
N ALA A 111 11.94 0.86 1.22
CA ALA A 111 11.86 0.60 -0.22
C ALA A 111 13.18 1.01 -0.86
N PRO A 112 14.12 0.06 -1.05
CA PRO A 112 15.43 0.47 -1.56
C PRO A 112 15.35 1.10 -2.95
N HIS A 113 14.30 0.82 -3.70
CA HIS A 113 14.20 1.35 -5.05
C HIS A 113 13.60 2.77 -5.11
N LEU A 114 13.06 3.26 -4.00
CA LEU A 114 12.49 4.60 -3.97
C LEU A 114 13.44 5.49 -3.17
N LYS A 115 13.82 6.63 -3.75
CA LYS A 115 14.83 7.50 -3.15
C LYS A 115 14.29 8.81 -2.61
N LYS A 116 13.34 9.41 -3.34
CA LYS A 116 12.83 10.72 -2.98
C LYS A 116 11.33 10.68 -2.76
N LEU A 117 10.86 11.35 -1.72
CA LEU A 117 9.44 11.44 -1.45
C LEU A 117 8.70 12.04 -2.64
N ALA A 118 9.33 13.00 -3.33
CA ALA A 118 8.67 13.63 -4.46
C ALA A 118 8.20 12.60 -5.50
N GLU A 119 8.87 11.46 -5.60
CA GLU A 119 8.49 10.41 -6.55
C GLU A 119 7.04 9.95 -6.35
N ILE A 120 6.57 9.94 -5.09
CA ILE A 120 5.26 9.37 -4.77
C ILE A 120 4.25 10.35 -4.17
N LYS A 121 4.54 11.64 -4.26
CA LYS A 121 3.51 12.63 -3.93
C LYS A 121 2.37 12.55 -4.93
N GLN A 122 1.16 12.87 -4.47
CA GLN A 122 -0.06 12.72 -5.27
C GLN A 122 -0.25 11.28 -5.77
N ARG A 123 0.06 10.35 -4.87
CA ARG A 123 -0.22 8.93 -5.06
C ARG A 123 -1.01 8.47 -3.83
N SER A 124 -1.07 7.17 -3.59
CA SER A 124 -1.79 6.66 -2.44
C SER A 124 -1.04 5.49 -1.84
N LEU A 125 -1.28 5.25 -0.56
CA LEU A 125 -0.78 4.06 0.14
C LEU A 125 -1.92 3.10 0.40
N MET A 126 -1.64 1.81 0.19
CA MET A 126 -2.65 0.78 0.34
C MET A 126 -2.13 -0.35 1.22
N VAL A 127 -2.96 -0.76 2.19
CA VAL A 127 -2.73 -1.98 2.93
C VAL A 127 -3.84 -2.95 2.55
N HIS A 128 -3.47 -4.19 2.23
CA HIS A 128 -4.40 -5.19 1.74
C HIS A 128 -4.87 -6.16 2.81
N VAL A 129 -5.96 -6.85 2.50
CA VAL A 129 -6.47 -7.92 3.33
C VAL A 129 -5.53 -9.12 3.32
N GLY A 130 -5.07 -9.49 2.12
CA GLY A 130 -4.13 -10.58 1.95
C GLY A 130 -2.70 -10.13 2.17
N GLY A 131 -1.78 -11.07 2.01
CA GLY A 131 -0.36 -10.82 2.16
C GLY A 131 0.30 -10.34 0.88
N ASP A 132 1.58 -10.70 0.70
CA ASP A 132 2.30 -10.34 -0.51
C ASP A 132 3.47 -11.29 -0.68
N ASN A 133 3.39 -12.17 -1.68
CA ASN A 133 4.50 -13.05 -1.98
C ASN A 133 5.43 -12.51 -3.09
N TYR A 134 5.29 -11.23 -3.41
CA TYR A 134 6.19 -10.53 -4.32
C TYR A 134 6.22 -11.16 -5.72
N SER A 135 5.05 -11.68 -6.13
CA SER A 135 4.89 -12.39 -7.38
C SER A 135 3.48 -12.22 -7.90
N ASP A 136 3.26 -12.57 -9.16
CA ASP A 136 1.92 -12.70 -9.72
C ASP A 136 1.47 -14.16 -9.81
N LYS A 137 2.22 -15.07 -9.17
CA LYS A 137 1.90 -16.49 -9.15
C LYS A 137 1.94 -16.96 -7.69
N PRO A 138 0.91 -17.68 -7.22
CA PRO A 138 -0.24 -18.20 -7.96
C PRO A 138 -1.38 -17.21 -8.10
N GLU A 139 -1.26 -16.05 -7.49
CA GLU A 139 -2.33 -15.04 -7.50
C GLU A 139 -1.78 -13.70 -7.96
N PRO A 140 -2.57 -12.94 -8.68
CA PRO A 140 -2.08 -11.63 -9.10
C PRO A 140 -1.67 -10.74 -7.92
N LEU A 141 -0.69 -9.88 -8.17
CA LEU A 141 -0.42 -8.76 -7.27
C LEU A 141 -0.08 -9.25 -5.86
N GLY A 142 0.67 -10.33 -5.82
CA GLY A 142 1.19 -10.86 -4.58
C GLY A 142 0.19 -11.60 -3.71
N GLY A 143 -1.04 -11.77 -4.20
CA GLY A 143 -2.09 -12.34 -3.37
C GLY A 143 -2.64 -11.37 -2.34
N GLY A 144 -2.47 -10.07 -2.58
CA GLY A 144 -2.98 -9.08 -1.66
C GLY A 144 -4.50 -9.04 -1.60
N GLY A 145 -5.17 -9.39 -2.69
CA GLY A 145 -6.61 -9.38 -2.71
C GLY A 145 -7.17 -8.00 -2.38
N ALA A 146 -8.23 -8.00 -1.59
CA ALA A 146 -9.00 -6.80 -1.34
C ALA A 146 -8.18 -5.74 -0.61
N ARG A 147 -8.62 -4.50 -0.77
CA ARG A 147 -7.98 -3.35 -0.17
C ARG A 147 -8.59 -3.11 1.21
N PHE A 148 -7.75 -3.14 2.24
CA PHE A 148 -8.19 -2.98 3.62
C PHE A 148 -8.20 -1.51 4.07
N ALA A 149 -7.13 -0.78 3.77
CA ALA A 149 -7.01 0.60 4.22
C ALA A 149 -6.22 1.39 3.19
N CYS A 150 -6.52 2.68 3.12
CA CYS A 150 -5.96 3.53 2.08
C CYS A 150 -5.76 4.94 2.63
N GLY A 151 -4.75 5.62 2.12
CA GLY A 151 -4.55 7.02 2.40
C GLY A 151 -3.89 7.71 1.24
N VAL A 152 -4.17 8.98 1.03
CA VAL A 152 -3.58 9.73 -0.07
C VAL A 152 -2.28 10.39 0.38
N ILE A 153 -1.25 10.29 -0.45
CA ILE A 153 0.01 10.95 -0.20
C ILE A 153 -0.08 12.28 -0.90
N GLU A 154 -0.11 13.36 -0.14
CA GLU A 154 -0.42 14.61 -0.80
C GLU A 154 0.79 15.22 -1.49
CU CU1 B . -1.76 -2.61 -3.35
CU CU C . -1.81 -3.08 -3.94
ZN ZN D . 2.98 -4.39 -7.39
S SO4 E . 2.54 7.16 -13.98
O1 SO4 E . 2.01 6.89 -15.31
O2 SO4 E . 1.72 6.48 -12.98
O3 SO4 E . 2.53 8.60 -13.72
O4 SO4 E . 3.91 6.66 -13.90
C1 GOL F . 3.70 16.09 8.22
O1 GOL F . 4.48 15.00 8.68
C2 GOL F . 3.17 15.79 6.83
O2 GOL F . 1.84 15.31 6.92
C3 GOL F . 3.21 17.03 5.95
O3 GOL F . 3.34 16.65 4.60
#